data_9JOZ
#
_entry.id   9JOZ
#
_cell.length_a   1.00
_cell.length_b   1.00
_cell.length_c   1.00
_cell.angle_alpha   90.00
_cell.angle_beta   90.00
_cell.angle_gamma   90.00
#
_symmetry.space_group_name_H-M   'P 1'
#
_entity_poly.entity_id   1
_entity_poly.type   'polypeptide(L)'
_entity_poly.pdbx_seq_one_letter_code
;MADLEDNWETLNDNLKVIEKADNAAQVKDALTKMRAAALDAQKATPPKLEDKSPDSPEMKDFRHGFDILVGQIDDALKLA
NEGKVKEAQAAAEQLKTTRNAYIQKYLSWRHLVCYLCFYGFMAQIRPGESFITPYLLGPDKQFTREQVTNEITPVLSYSY
LAVLVPVFLLTDYLRYTPVLLLQGLSFVSVWLLLLLGHSVAHMQLMELFYSVTMAARIAYSSYIFSLVRPARYQRVAGYS
RAAVLLGVFTSSVLGQLLVTVGRVSFSTLNYISLAFLTFSVVLALFLKRPKRSLFFNRDDRGRCETSASELERMNPGPGG
KLGHALRVACGDSVLARMLRELGDSLRRPQLRLWSLWWVFNSAGYYLVVYYVHILWNEVDPTTNSARVYNFAADAASTLL
GAITSFAAGFVKIRWARWSKLLIAGVTATQAGLVFLLAHTRHPSSIWLCYAAFVLFRGSYQFLVPIATFQIASSLSKELC
ALVFGVNTFFATIVKTIITFIVSDVRGLGLPVRKQFQLYSVYFLILSIIYFLGAMLDGLRHAEEEKRKAEEEKRKGSGSQ
VQLQESGGGLVQPGGSLRLSCAASGRTISRYAMSWFRQAPGKEREFVAVARRSGDGAFYADSVQGRFTVSRDDAKNTVYL
QMNSLKPEDTAVYYCAIDSDTFYSGSYDYWGQGTQVTVSSHHHHHHHHHH
;
_entity_poly.pdbx_strand_id   A
#
# COMPACT_ATOMS: atom_id res chain seq x y z
N SER A 108 -28.05 -8.21 2.07
CA SER A 108 -26.82 -8.85 1.65
C SER A 108 -26.60 -8.70 0.15
N TRP A 109 -27.63 -8.22 -0.55
CA TRP A 109 -27.54 -8.10 -2.00
C TRP A 109 -26.68 -6.93 -2.42
N ARG A 110 -26.65 -5.86 -1.63
CA ARG A 110 -25.89 -4.67 -1.99
C ARG A 110 -24.94 -4.21 -0.89
N HIS A 111 -25.32 -4.37 0.38
CA HIS A 111 -24.49 -3.91 1.50
C HIS A 111 -23.49 -4.95 1.95
N LEU A 112 -23.12 -5.88 1.06
CA LEU A 112 -22.00 -6.79 1.29
C LEU A 112 -20.78 -6.43 0.45
N VAL A 113 -20.99 -6.00 -0.79
CA VAL A 113 -19.90 -5.56 -1.66
C VAL A 113 -19.92 -4.05 -1.85
N CYS A 114 -21.09 -3.46 -2.14
CA CYS A 114 -21.16 -2.01 -2.28
C CYS A 114 -20.80 -1.32 -0.97
N TYR A 115 -21.31 -1.84 0.15
CA TYR A 115 -20.98 -1.28 1.45
C TYR A 115 -19.51 -1.48 1.78
N LEU A 116 -18.94 -2.61 1.38
CA LEU A 116 -17.52 -2.84 1.61
C LEU A 116 -16.67 -1.84 0.85
N CYS A 117 -17.01 -1.60 -0.42
CA CYS A 117 -16.27 -0.61 -1.21
C CYS A 117 -16.46 0.78 -0.64
N PHE A 118 -17.68 1.11 -0.19
CA PHE A 118 -17.91 2.42 0.42
C PHE A 118 -17.10 2.58 1.70
N TYR A 119 -17.03 1.52 2.52
CA TYR A 119 -16.24 1.58 3.73
C TYR A 119 -14.76 1.77 3.42
N GLY A 120 -14.23 1.06 2.42
CA GLY A 120 -12.85 1.28 2.04
C GLY A 120 -12.60 2.70 1.57
N PHE A 121 -13.49 3.20 0.70
CA PHE A 121 -13.36 4.56 0.20
C PHE A 121 -13.34 5.59 1.33
N MET A 122 -14.29 5.49 2.25
CA MET A 122 -14.39 6.48 3.31
C MET A 122 -13.39 6.26 4.43
N ALA A 123 -12.80 5.06 4.54
CA ALA A 123 -11.70 4.85 5.47
C ALA A 123 -10.41 5.43 4.93
N GLN A 124 -10.25 5.48 3.60
CA GLN A 124 -9.09 6.15 3.03
C GLN A 124 -9.19 7.67 3.08
N ILE A 125 -10.32 8.21 3.50
CA ILE A 125 -10.53 9.66 3.52
C ILE A 125 -9.86 10.22 4.77
N ARG A 126 -8.71 10.86 4.60
CA ARG A 126 -8.00 11.56 5.68
C ARG A 126 -7.37 12.81 5.10
N PRO A 127 -8.11 13.92 5.04
CA PRO A 127 -7.55 15.14 4.44
C PRO A 127 -6.30 15.64 5.13
N GLY A 128 -6.20 15.47 6.45
CA GLY A 128 -5.05 15.94 7.19
C GLY A 128 -3.86 14.99 7.23
N GLU A 129 -3.95 13.83 6.58
CA GLU A 129 -2.86 12.87 6.62
C GLU A 129 -1.64 13.39 5.87
N SER A 130 -1.85 14.05 4.73
CA SER A 130 -0.74 14.52 3.91
C SER A 130 -0.10 15.80 4.45
N PHE A 131 -0.66 16.40 5.50
CA PHE A 131 -0.14 17.63 6.07
C PHE A 131 0.23 17.46 7.54
N ILE A 132 0.56 16.24 7.94
CA ILE A 132 0.93 15.98 9.33
C ILE A 132 2.25 16.67 9.68
N THR A 133 3.26 16.50 8.82
CA THR A 133 4.55 17.12 9.07
C THR A 133 4.48 18.66 9.06
N PRO A 134 3.84 19.32 8.08
CA PRO A 134 3.69 20.78 8.21
C PRO A 134 2.90 21.20 9.42
N TYR A 135 1.92 20.40 9.86
CA TYR A 135 1.17 20.73 11.06
C TYR A 135 2.07 20.73 12.28
N LEU A 136 2.94 19.72 12.40
CA LEU A 136 3.89 19.69 13.50
C LEU A 136 4.88 20.84 13.41
N LEU A 137 5.37 21.14 12.21
CA LEU A 137 6.25 22.28 11.99
C LEU A 137 5.45 23.55 11.71
N GLY A 138 4.51 23.86 12.61
CA GLY A 138 3.64 24.99 12.44
C GLY A 138 3.47 25.80 13.71
N PRO A 139 2.72 26.91 13.63
CA PRO A 139 2.51 27.74 14.83
C PRO A 139 1.81 27.02 15.96
N ASP A 140 0.97 26.03 15.66
CA ASP A 140 0.21 25.37 16.71
C ASP A 140 1.10 24.46 17.56
N LYS A 141 1.70 23.44 16.92
CA LYS A 141 2.52 22.50 17.66
C LYS A 141 3.88 23.08 18.03
N GLN A 142 4.46 23.91 17.16
CA GLN A 142 5.76 24.54 17.40
C GLN A 142 6.85 23.50 17.65
N PHE A 143 7.08 22.67 16.65
CA PHE A 143 8.11 21.64 16.68
C PHE A 143 9.20 21.98 15.68
N THR A 144 10.46 21.86 16.09
CA THR A 144 11.57 22.11 15.19
C THR A 144 11.76 20.94 14.24
N ARG A 145 12.56 21.17 13.20
CA ARG A 145 12.80 20.13 12.20
C ARG A 145 13.52 18.93 12.81
N GLU A 146 14.43 19.18 13.76
CA GLU A 146 15.20 18.09 14.35
C GLU A 146 14.29 17.13 15.12
N GLN A 147 13.32 17.66 15.87
CA GLN A 147 12.42 16.79 16.63
C GLN A 147 11.58 15.93 15.70
N VAL A 148 11.05 16.51 14.63
CA VAL A 148 10.19 15.75 13.72
C VAL A 148 11.00 14.74 12.93
N THR A 149 12.17 15.14 12.42
CA THR A 149 12.89 14.32 11.45
C THR A 149 13.50 13.08 12.10
N ASN A 150 14.16 13.25 13.25
CA ASN A 150 14.94 12.17 13.84
C ASN A 150 14.48 11.78 15.24
N GLU A 151 13.26 12.16 15.63
CA GLU A 151 12.67 11.71 16.89
C GLU A 151 11.22 11.26 16.78
N ILE A 152 10.55 11.50 15.67
CA ILE A 152 9.12 11.21 15.56
C ILE A 152 8.87 10.20 14.45
N THR A 153 9.33 10.50 13.24
CA THR A 153 9.18 9.60 12.09
C THR A 153 9.99 8.31 12.24
N PRO A 154 11.15 8.34 12.92
CA PRO A 154 11.81 7.05 13.24
C PRO A 154 10.94 6.09 14.00
N VAL A 155 10.06 6.58 14.89
CA VAL A 155 9.17 5.68 15.60
C VAL A 155 8.28 4.92 14.63
N LEU A 156 7.69 5.64 13.67
CA LEU A 156 6.90 5.00 12.63
C LEU A 156 7.73 3.99 11.84
N SER A 157 8.88 4.42 11.34
CA SER A 157 9.70 3.53 10.47
C SER A 157 10.15 2.28 11.23
N TYR A 158 10.49 2.40 12.51
CA TYR A 158 11.04 1.28 13.26
C TYR A 158 9.97 0.43 13.93
N SER A 159 8.73 0.93 13.98
CA SER A 159 7.63 0.18 14.65
C SER A 159 6.72 -0.48 13.60
N TYR A 160 6.71 0.01 12.36
CA TYR A 160 5.79 -0.54 11.37
C TYR A 160 5.88 -2.06 11.31
N LEU A 161 7.10 -2.60 11.20
CA LEU A 161 7.25 -4.05 11.09
C LEU A 161 6.95 -4.75 12.41
N ALA A 162 7.35 -4.13 13.53
CA ALA A 162 7.07 -4.71 14.84
C ALA A 162 5.58 -4.81 15.10
N VAL A 163 4.78 -3.90 14.52
CA VAL A 163 3.33 -4.01 14.64
C VAL A 163 2.79 -4.98 13.60
N LEU A 164 3.36 -4.98 12.40
CA LEU A 164 2.86 -5.83 11.33
C LEU A 164 3.02 -7.31 11.66
N VAL A 165 4.07 -7.68 12.39
CA VAL A 165 4.34 -9.11 12.66
C VAL A 165 3.17 -9.78 13.38
N PRO A 166 2.62 -9.23 14.48
CA PRO A 166 1.43 -9.86 15.07
C PRO A 166 0.15 -9.62 14.28
N VAL A 167 0.11 -8.61 13.43
CA VAL A 167 -1.14 -8.24 12.76
C VAL A 167 -1.60 -9.37 11.85
N PHE A 168 -0.71 -9.90 11.02
CA PHE A 168 -1.11 -10.96 10.10
C PHE A 168 -1.30 -12.29 10.81
N LEU A 169 -0.64 -12.47 11.95
CA LEU A 169 -0.88 -13.67 12.75
C LEU A 169 -2.27 -13.65 13.39
N LEU A 170 -2.76 -12.47 13.76
CA LEU A 170 -4.00 -12.38 14.51
C LEU A 170 -5.23 -12.07 13.66
N THR A 171 -5.06 -11.50 12.47
CA THR A 171 -6.24 -11.06 11.71
C THR A 171 -7.09 -12.24 11.22
N ASP A 172 -6.45 -13.36 10.86
CA ASP A 172 -7.22 -14.53 10.44
C ASP A 172 -7.97 -15.15 11.61
N TYR A 173 -7.31 -15.27 12.76
CA TYR A 173 -7.96 -15.93 13.89
C TYR A 173 -9.09 -15.07 14.45
N LEU A 174 -8.83 -13.77 14.68
CA LEU A 174 -9.86 -12.87 15.18
C LEU A 174 -10.87 -12.47 14.12
N ARG A 175 -10.74 -12.99 12.90
CA ARG A 175 -11.50 -12.54 11.74
C ARG A 175 -11.16 -11.09 11.42
N TYR A 176 -11.52 -10.64 10.22
CA TYR A 176 -10.96 -9.42 9.65
C TYR A 176 -11.71 -8.16 10.07
N THR A 177 -12.83 -8.28 10.77
CA THR A 177 -13.60 -7.11 11.20
C THR A 177 -12.97 -6.44 12.43
N PRO A 178 -12.58 -7.19 13.48
CA PRO A 178 -11.93 -6.52 14.63
C PRO A 178 -10.67 -5.78 14.25
N VAL A 179 -9.87 -6.30 13.32
CA VAL A 179 -8.64 -5.61 12.94
C VAL A 179 -8.96 -4.33 12.18
N LEU A 180 -10.00 -4.34 11.34
CA LEU A 180 -10.41 -3.11 10.67
C LEU A 180 -10.91 -2.08 11.68
N LEU A 181 -11.69 -2.52 12.67
CA LEU A 181 -12.13 -1.60 13.71
C LEU A 181 -10.95 -1.04 14.50
N LEU A 182 -9.95 -1.90 14.77
CA LEU A 182 -8.75 -1.45 15.45
C LEU A 182 -7.99 -0.42 14.62
N GLN A 183 -7.92 -0.63 13.30
CA GLN A 183 -7.26 0.34 12.43
C GLN A 183 -8.00 1.68 12.44
N GLY A 184 -9.32 1.65 12.38
CA GLY A 184 -10.09 2.89 12.45
C GLY A 184 -9.90 3.61 13.78
N LEU A 185 -9.96 2.87 14.88
CA LEU A 185 -9.74 3.48 16.19
C LEU A 185 -8.31 4.00 16.33
N SER A 186 -7.34 3.33 15.71
CA SER A 186 -5.96 3.80 15.76
C SER A 186 -5.79 5.09 14.97
N PHE A 187 -6.48 5.21 13.83
CA PHE A 187 -6.47 6.47 13.10
C PHE A 187 -7.12 7.58 13.91
N VAL A 188 -8.22 7.27 14.59
CA VAL A 188 -8.88 8.25 15.46
C VAL A 188 -7.93 8.69 16.57
N SER A 189 -7.20 7.73 17.16
CA SER A 189 -6.22 8.05 18.19
C SER A 189 -5.07 8.89 17.63
N VAL A 190 -4.64 8.59 16.39
CA VAL A 190 -3.60 9.38 15.75
C VAL A 190 -4.02 10.84 15.67
N TRP A 191 -5.24 11.08 15.18
CA TRP A 191 -5.68 12.46 15.04
C TRP A 191 -5.99 13.12 16.38
N LEU A 192 -6.46 12.35 17.36
CA LEU A 192 -6.65 12.90 18.70
C LEU A 192 -5.33 13.34 19.31
N LEU A 193 -4.28 12.54 19.14
CA LEU A 193 -2.96 12.92 19.60
C LEU A 193 -2.41 14.10 18.81
N LEU A 194 -2.75 14.18 17.52
CA LEU A 194 -2.34 15.34 16.72
C LEU A 194 -2.96 16.63 17.26
N LEU A 195 -4.25 16.58 17.60
CA LEU A 195 -4.93 17.77 18.10
C LEU A 195 -4.67 18.05 19.58
N LEU A 196 -4.19 17.06 20.34
CA LEU A 196 -4.01 17.24 21.78
C LEU A 196 -2.60 16.94 22.26
N GLY A 197 -1.67 16.57 21.38
CA GLY A 197 -0.30 16.31 21.80
C GLY A 197 0.50 17.59 21.87
N HIS A 198 1.40 17.65 22.85
CA HIS A 198 2.23 18.82 23.05
C HIS A 198 3.71 18.45 23.07
N SER A 199 4.03 17.29 23.62
CA SER A 199 5.40 16.83 23.76
C SER A 199 5.79 15.88 22.62
N VAL A 200 7.08 15.56 22.57
CA VAL A 200 7.58 14.64 21.56
C VAL A 200 7.03 13.24 21.78
N ALA A 201 6.85 12.84 23.05
CA ALA A 201 6.36 11.50 23.35
C ALA A 201 4.96 11.28 22.78
N HIS A 202 4.11 12.31 22.84
CA HIS A 202 2.77 12.20 22.26
C HIS A 202 2.86 11.97 20.75
N MET A 203 3.76 12.67 20.07
CA MET A 203 3.91 12.48 18.63
C MET A 203 4.47 11.10 18.31
N GLN A 204 5.37 10.58 19.16
CA GLN A 204 5.88 9.24 18.96
C GLN A 204 4.78 8.20 19.13
N LEU A 205 3.92 8.39 20.12
CA LEU A 205 2.77 7.49 20.29
C LEU A 205 1.83 7.58 19.10
N MET A 206 1.63 8.80 18.58
CA MET A 206 0.81 8.97 17.39
C MET A 206 1.41 8.23 16.20
N GLU A 207 2.73 8.28 16.04
CA GLU A 207 3.37 7.56 14.94
C GLU A 207 3.29 6.06 15.12
N LEU A 208 3.34 5.58 16.37
CA LEU A 208 3.14 4.16 16.63
C LEU A 208 1.73 3.73 16.21
N PHE A 209 0.72 4.53 16.57
CA PHE A 209 -0.64 4.23 16.15
C PHE A 209 -0.77 4.31 14.62
N TYR A 210 -0.05 5.23 13.99
CA TYR A 210 -0.06 5.31 12.52
C TYR A 210 0.56 4.07 11.90
N SER A 211 1.62 3.54 12.51
CA SER A 211 2.19 2.29 12.04
C SER A 211 1.19 1.16 12.18
N VAL A 212 0.42 1.16 13.27
CA VAL A 212 -0.65 0.18 13.44
C VAL A 212 -1.65 0.30 12.30
N THR A 213 -2.05 1.53 11.97
CA THR A 213 -3.00 1.74 10.89
C THR A 213 -2.47 1.23 9.56
N MET A 214 -1.19 1.52 9.26
CA MET A 214 -0.64 1.06 7.99
C MET A 214 -0.47 -0.45 7.96
N ALA A 215 -0.21 -1.07 9.11
CA ALA A 215 -0.08 -2.53 9.15
C ALA A 215 -1.43 -3.22 9.05
N ALA A 216 -2.52 -2.54 9.43
CA ALA A 216 -3.84 -3.17 9.49
C ALA A 216 -4.66 -2.98 8.22
N ARG A 217 -4.02 -2.88 7.05
CA ARG A 217 -4.75 -2.83 5.78
C ARG A 217 -4.84 -4.18 5.09
N ILE A 218 -3.94 -5.11 5.41
CA ILE A 218 -4.08 -6.48 4.93
C ILE A 218 -5.38 -7.08 5.43
N ALA A 219 -5.87 -6.61 6.59
CA ALA A 219 -7.14 -7.09 7.11
C ALA A 219 -8.27 -6.79 6.13
N TYR A 220 -8.32 -5.55 5.61
CA TYR A 220 -9.31 -5.22 4.59
C TYR A 220 -9.04 -6.00 3.30
N SER A 221 -7.78 -6.04 2.87
CA SER A 221 -7.45 -6.66 1.59
C SER A 221 -7.85 -8.13 1.56
N SER A 222 -7.90 -8.76 2.74
CA SER A 222 -8.30 -10.18 2.80
C SER A 222 -9.79 -10.29 3.14
N TYR A 223 -10.31 -9.32 3.91
CA TYR A 223 -11.73 -9.35 4.26
C TYR A 223 -12.58 -9.32 3.00
N ILE A 224 -12.13 -8.58 1.99
CA ILE A 224 -12.86 -8.55 0.73
C ILE A 224 -13.01 -9.96 0.15
N PHE A 225 -11.97 -10.79 0.28
CA PHE A 225 -12.06 -12.16 -0.21
C PHE A 225 -12.87 -13.04 0.74
N SER A 226 -12.73 -12.81 2.04
CA SER A 226 -13.44 -13.64 3.01
C SER A 226 -14.95 -13.44 2.92
N LEU A 227 -15.39 -12.27 2.44
CA LEU A 227 -16.82 -12.00 2.40
C LEU A 227 -17.54 -12.73 1.27
N VAL A 228 -16.89 -12.87 0.11
CA VAL A 228 -17.60 -13.20 -1.11
C VAL A 228 -17.16 -14.59 -1.57
N ARG A 229 -17.99 -15.20 -2.43
CA ARG A 229 -17.71 -16.51 -2.99
C ARG A 229 -16.43 -16.46 -3.84
N PRO A 230 -15.68 -17.57 -3.89
CA PRO A 230 -14.44 -17.59 -4.68
C PRO A 230 -14.65 -17.30 -6.16
N ALA A 231 -15.84 -17.53 -6.71
CA ALA A 231 -16.07 -17.26 -8.12
C ALA A 231 -16.06 -15.77 -8.43
N ARG A 232 -16.18 -14.92 -7.41
CA ARG A 232 -16.19 -13.47 -7.57
C ARG A 232 -14.95 -12.80 -6.98
N TYR A 233 -13.88 -13.58 -6.79
CA TYR A 233 -12.67 -13.02 -6.17
C TYR A 233 -12.03 -11.95 -7.03
N GLN A 234 -12.01 -12.16 -8.35
CA GLN A 234 -11.33 -11.21 -9.24
C GLN A 234 -12.03 -9.86 -9.26
N ARG A 235 -13.36 -9.86 -9.36
CA ARG A 235 -14.09 -8.60 -9.44
C ARG A 235 -14.07 -7.86 -8.12
N VAL A 236 -14.23 -8.58 -7.00
CA VAL A 236 -14.23 -7.93 -5.69
C VAL A 236 -12.86 -7.36 -5.38
N ALA A 237 -11.78 -8.07 -5.77
CA ALA A 237 -10.44 -7.54 -5.57
C ALA A 237 -10.25 -6.25 -6.35
N GLY A 238 -10.73 -6.20 -7.59
CA GLY A 238 -10.66 -4.96 -8.35
C GLY A 238 -11.53 -3.86 -7.76
N TYR A 239 -12.75 -4.21 -7.33
CA TYR A 239 -13.65 -3.22 -6.75
C TYR A 239 -13.06 -2.61 -5.49
N SER A 240 -12.51 -3.45 -4.60
CA SER A 240 -11.99 -2.95 -3.34
C SER A 240 -10.75 -2.08 -3.53
N ARG A 241 -9.83 -2.52 -4.40
CA ARG A 241 -8.65 -1.70 -4.68
C ARG A 241 -9.03 -0.39 -5.34
N ALA A 242 -9.99 -0.43 -6.27
CA ALA A 242 -10.46 0.80 -6.89
C ALA A 242 -11.06 1.75 -5.87
N ALA A 243 -11.86 1.22 -4.95
CA ALA A 243 -12.46 2.06 -3.92
C ALA A 243 -11.41 2.64 -2.99
N VAL A 244 -10.41 1.84 -2.61
CA VAL A 244 -9.36 2.32 -1.72
C VAL A 244 -8.56 3.42 -2.39
N LEU A 245 -8.18 3.23 -3.66
CA LEU A 245 -7.40 4.24 -4.35
C LEU A 245 -8.23 5.49 -4.65
N LEU A 246 -9.52 5.33 -4.92
CA LEU A 246 -10.40 6.49 -5.07
C LEU A 246 -10.50 7.25 -3.76
N GLY A 247 -10.56 6.54 -2.63
CA GLY A 247 -10.56 7.21 -1.34
C GLY A 247 -9.28 7.98 -1.07
N VAL A 248 -8.14 7.37 -1.44
CA VAL A 248 -6.86 8.05 -1.27
C VAL A 248 -6.80 9.32 -2.13
N PHE A 249 -7.23 9.20 -3.39
CA PHE A 249 -7.24 10.35 -4.29
C PHE A 249 -8.17 11.44 -3.77
N THR A 250 -9.37 11.06 -3.31
CA THR A 250 -10.32 12.03 -2.79
C THR A 250 -9.78 12.72 -1.55
N SER A 251 -9.13 11.97 -0.66
CA SER A 251 -8.56 12.56 0.54
C SER A 251 -7.46 13.56 0.19
N SER A 252 -6.57 13.18 -0.73
CA SER A 252 -5.49 14.08 -1.11
C SER A 252 -6.04 15.35 -1.77
N VAL A 253 -6.99 15.19 -2.69
CA VAL A 253 -7.56 16.35 -3.37
C VAL A 253 -8.31 17.24 -2.40
N LEU A 254 -9.07 16.64 -1.48
CA LEU A 254 -9.82 17.42 -0.50
C LEU A 254 -8.88 18.20 0.41
N GLY A 255 -7.81 17.55 0.88
CA GLY A 255 -6.86 18.25 1.73
C GLY A 255 -6.19 19.41 1.00
N GLN A 256 -5.73 19.16 -0.23
CA GLN A 256 -5.07 20.21 -0.99
C GLN A 256 -6.03 21.37 -1.29
N LEU A 257 -7.28 21.05 -1.63
CA LEU A 257 -8.26 22.10 -1.88
C LEU A 257 -8.55 22.89 -0.61
N LEU A 258 -8.64 22.21 0.53
CA LEU A 258 -8.93 22.91 1.78
C LEU A 258 -7.78 23.80 2.21
N VAL A 259 -6.53 23.43 1.91
CA VAL A 259 -5.40 24.23 2.38
C VAL A 259 -4.94 25.30 1.37
N THR A 260 -5.09 25.06 0.06
CA THR A 260 -4.61 26.02 -0.92
C THR A 260 -5.71 26.97 -1.40
N VAL A 261 -6.76 26.46 -2.04
CA VAL A 261 -7.83 27.34 -2.49
C VAL A 261 -8.77 27.67 -1.34
N GLY A 262 -9.14 26.67 -0.54
CA GLY A 262 -9.80 26.93 0.72
C GLY A 262 -8.85 27.58 1.72
N ARG A 263 -9.44 28.30 2.68
CA ARG A 263 -8.67 29.05 3.65
C ARG A 263 -8.75 28.43 5.05
N VAL A 264 -8.95 27.11 5.13
CA VAL A 264 -8.99 26.45 6.43
C VAL A 264 -7.57 26.28 6.95
N SER A 265 -7.44 26.29 8.28
CA SER A 265 -6.16 26.07 8.92
C SER A 265 -5.86 24.58 9.01
N PHE A 266 -4.62 24.27 9.42
CA PHE A 266 -4.26 22.88 9.64
C PHE A 266 -5.07 22.26 10.77
N SER A 267 -5.52 23.08 11.72
CA SER A 267 -6.36 22.57 12.80
C SER A 267 -7.75 22.19 12.28
N THR A 268 -8.36 23.06 11.48
CA THR A 268 -9.68 22.77 10.93
C THR A 268 -9.63 21.57 9.99
N LEU A 269 -8.58 21.48 9.17
CA LEU A 269 -8.42 20.32 8.30
C LEU A 269 -8.29 19.04 9.11
N ASN A 270 -7.56 19.09 10.22
CA ASN A 270 -7.44 17.91 11.08
C ASN A 270 -8.76 17.59 11.76
N TYR A 271 -9.58 18.61 12.08
CA TYR A 271 -10.90 18.34 12.63
C TYR A 271 -11.79 17.64 11.60
N ILE A 272 -11.71 18.08 10.34
CA ILE A 272 -12.47 17.41 9.27
C ILE A 272 -12.00 15.97 9.13
N SER A 273 -10.69 15.74 9.17
CA SER A 273 -10.16 14.38 9.08
C SER A 273 -10.63 13.53 10.25
N LEU A 274 -10.67 14.11 11.45
CA LEU A 274 -11.14 13.36 12.62
C LEU A 274 -12.61 13.00 12.48
N ALA A 275 -13.43 13.93 11.96
CA ALA A 275 -14.83 13.62 11.74
C ALA A 275 -14.99 12.50 10.71
N PHE A 276 -14.22 12.55 9.63
CA PHE A 276 -14.28 11.48 8.64
C PHE A 276 -13.82 10.15 9.22
N LEU A 277 -12.80 10.17 10.09
CA LEU A 277 -12.35 8.94 10.72
C LEU A 277 -13.38 8.38 11.69
N THR A 278 -14.09 9.26 12.40
CA THR A 278 -15.17 8.80 13.27
C THR A 278 -16.27 8.14 12.45
N PHE A 279 -16.63 8.75 11.31
CA PHE A 279 -17.62 8.14 10.44
C PHE A 279 -17.13 6.80 9.88
N SER A 280 -15.83 6.72 9.57
CA SER A 280 -15.26 5.46 9.08
C SER A 280 -15.33 4.38 10.16
N VAL A 281 -15.06 4.74 11.41
CA VAL A 281 -15.19 3.78 12.50
C VAL A 281 -16.63 3.32 12.65
N VAL A 282 -17.58 4.26 12.56
CA VAL A 282 -18.99 3.90 12.63
C VAL A 282 -19.34 2.93 11.51
N LEU A 283 -18.83 3.18 10.30
CA LEU A 283 -19.06 2.26 9.19
C LEU A 283 -18.44 0.89 9.46
N ALA A 284 -17.24 0.87 10.04
CA ALA A 284 -16.58 -0.39 10.34
C ALA A 284 -17.34 -1.18 11.40
N LEU A 285 -18.11 -0.50 12.25
CA LEU A 285 -18.89 -1.18 13.28
C LEU A 285 -20.02 -2.02 12.69
N PHE A 286 -20.35 -1.84 11.41
CA PHE A 286 -21.44 -2.57 10.77
C PHE A 286 -20.93 -3.48 9.66
N LEU A 287 -19.71 -3.98 9.80
CA LEU A 287 -19.14 -4.90 8.83
C LEU A 287 -19.45 -6.33 9.23
N LYS A 288 -19.87 -7.14 8.26
CA LYS A 288 -20.23 -8.53 8.53
C LYS A 288 -19.00 -9.34 8.88
N ARG A 289 -18.92 -9.81 10.11
CA ARG A 289 -17.82 -10.66 10.54
C ARG A 289 -17.99 -12.06 9.94
N PRO A 290 -17.00 -12.59 9.23
CA PRO A 290 -17.14 -13.92 8.63
C PRO A 290 -17.28 -15.00 9.68
N LYS A 291 -17.49 -16.23 9.20
CA LYS A 291 -17.67 -17.36 10.10
C LYS A 291 -16.36 -17.70 10.80
N ARG A 292 -16.48 -18.53 11.84
CA ARG A 292 -15.31 -18.90 12.65
C ARG A 292 -14.28 -19.66 11.82
N SER A 293 -14.72 -20.32 10.74
CA SER A 293 -13.86 -21.06 9.82
C SER A 293 -13.35 -22.35 10.43
N LEU A 294 -13.23 -23.39 9.60
CA LEU A 294 -12.80 -24.70 10.09
C LEU A 294 -11.40 -24.63 10.71
N PHE A 295 -10.51 -23.86 10.09
CA PHE A 295 -9.17 -23.68 10.61
C PHE A 295 -9.21 -22.96 11.95
N PHE A 296 -8.11 -23.01 12.71
CA PHE A 296 -8.02 -22.43 14.05
C PHE A 296 -8.99 -23.12 15.00
N SER A 333 0.48 -26.49 18.80
CA SER A 333 0.15 -25.06 18.80
C SER A 333 -0.50 -24.65 17.48
N VAL A 334 -1.32 -23.60 17.54
CA VAL A 334 -1.97 -23.09 16.33
C VAL A 334 -0.93 -22.51 15.38
N LEU A 335 0.08 -21.84 15.96
CA LEU A 335 1.16 -21.27 15.11
C LEU A 335 1.65 -22.36 14.16
N ALA A 336 2.03 -23.52 14.70
CA ALA A 336 2.56 -24.59 13.86
C ALA A 336 1.58 -24.94 12.75
N ARG A 337 0.28 -24.96 13.07
CA ARG A 337 -0.73 -25.27 12.06
C ARG A 337 -0.69 -24.25 10.92
N MET A 338 -0.68 -22.95 11.26
CA MET A 338 -0.67 -21.94 10.20
C MET A 338 0.64 -21.94 9.44
N LEU A 339 1.77 -22.20 10.10
CA LEU A 339 3.05 -22.28 9.38
C LEU A 339 3.05 -23.45 8.41
N ARG A 340 2.55 -24.62 8.84
CA ARG A 340 2.50 -25.77 7.96
C ARG A 340 1.57 -25.52 6.78
N GLU A 341 0.42 -24.91 7.03
CA GLU A 341 -0.50 -24.58 5.93
C GLU A 341 0.11 -23.56 4.98
N LEU A 342 0.87 -22.59 5.52
CA LEU A 342 1.55 -21.63 4.67
C LEU A 342 2.57 -22.31 3.78
N GLY A 343 3.34 -23.26 4.33
CA GLY A 343 4.28 -24.00 3.50
C GLY A 343 3.59 -24.83 2.44
N ASP A 344 2.52 -25.52 2.80
CA ASP A 344 1.79 -26.35 1.84
C ASP A 344 1.19 -25.49 0.73
N SER A 345 0.68 -24.32 1.06
CA SER A 345 0.11 -23.42 0.07
C SER A 345 1.18 -22.77 -0.79
N LEU A 346 2.33 -22.43 -0.21
CA LEU A 346 3.44 -21.90 -0.99
C LEU A 346 4.02 -22.94 -1.93
N ARG A 347 3.83 -24.22 -1.62
CA ARG A 347 4.21 -25.26 -2.58
C ARG A 347 3.47 -25.10 -3.91
N ARG A 348 2.28 -24.51 -3.89
CA ARG A 348 1.52 -24.30 -5.10
C ARG A 348 2.22 -23.28 -6.01
N PRO A 349 2.08 -23.42 -7.33
CA PRO A 349 2.81 -22.52 -8.24
C PRO A 349 2.16 -21.15 -8.40
N GLN A 350 0.83 -21.10 -8.37
CA GLN A 350 0.14 -19.83 -8.58
C GLN A 350 0.29 -18.90 -7.39
N LEU A 351 0.30 -19.45 -6.18
CA LEU A 351 0.51 -18.61 -5.00
C LEU A 351 1.97 -18.20 -4.87
N ARG A 352 2.89 -19.11 -5.17
CA ARG A 352 4.31 -18.80 -5.05
C ARG A 352 4.73 -17.73 -6.05
N LEU A 353 4.18 -17.77 -7.27
CA LEU A 353 4.56 -16.79 -8.28
C LEU A 353 4.14 -15.39 -7.88
N TRP A 354 2.92 -15.23 -7.38
CA TRP A 354 2.40 -13.92 -7.01
C TRP A 354 2.86 -13.47 -5.63
N SER A 355 3.37 -14.38 -4.79
CA SER A 355 3.97 -13.98 -3.54
C SER A 355 5.36 -13.39 -3.76
N LEU A 356 6.12 -13.95 -4.71
CA LEU A 356 7.42 -13.38 -5.04
C LEU A 356 7.26 -12.02 -5.70
N TRP A 357 6.21 -11.85 -6.50
CA TRP A 357 5.91 -10.52 -7.04
C TRP A 357 5.58 -9.53 -5.93
N TRP A 358 4.79 -9.97 -4.94
CA TRP A 358 4.45 -9.09 -3.83
C TRP A 358 5.69 -8.68 -3.04
N VAL A 359 6.61 -9.62 -2.83
CA VAL A 359 7.79 -9.32 -2.02
C VAL A 359 8.72 -8.36 -2.76
N PHE A 360 8.91 -8.57 -4.06
CA PHE A 360 9.96 -7.87 -4.80
C PHE A 360 9.46 -6.72 -5.65
N ASN A 361 8.31 -6.87 -6.32
CA ASN A 361 7.80 -5.78 -7.13
C ASN A 361 7.26 -4.65 -6.27
N SER A 362 6.61 -4.99 -5.15
CA SER A 362 6.12 -3.96 -4.23
C SER A 362 7.27 -3.23 -3.56
N ALA A 363 8.34 -3.95 -3.21
CA ALA A 363 9.50 -3.30 -2.62
C ALA A 363 10.11 -2.30 -3.58
N GLY A 364 10.23 -2.67 -4.86
CA GLY A 364 10.67 -1.71 -5.86
C GLY A 364 9.67 -0.59 -6.08
N TYR A 365 8.37 -0.90 -5.99
CA TYR A 365 7.35 0.13 -6.12
C TYR A 365 7.45 1.16 -5.01
N TYR A 366 7.60 0.70 -3.76
CA TYR A 366 7.67 1.64 -2.64
C TYR A 366 8.99 2.39 -2.62
N LEU A 367 10.06 1.79 -3.14
CA LEU A 367 11.31 2.51 -3.27
C LEU A 367 11.18 3.67 -4.25
N VAL A 368 10.53 3.43 -5.39
CA VAL A 368 10.37 4.48 -6.39
C VAL A 368 9.39 5.55 -5.91
N VAL A 369 8.27 5.13 -5.32
CA VAL A 369 7.25 6.08 -4.91
C VAL A 369 7.76 6.98 -3.79
N TYR A 370 8.42 6.39 -2.79
CA TYR A 370 8.91 7.19 -1.67
C TYR A 370 10.00 8.15 -2.10
N TYR A 371 10.91 7.70 -2.97
CA TYR A 371 12.05 8.52 -3.38
C TYR A 371 11.75 9.43 -4.56
N VAL A 372 10.53 9.35 -5.12
CA VAL A 372 10.13 10.21 -6.28
C VAL A 372 10.01 11.66 -5.79
N HIS A 373 9.60 11.87 -4.53
CA HIS A 373 9.45 13.22 -4.01
C HIS A 373 10.81 13.89 -3.81
N ILE A 374 11.77 13.15 -3.26
CA ILE A 374 13.12 13.70 -3.08
C ILE A 374 13.80 13.92 -4.42
N LEU A 375 13.55 13.04 -5.40
CA LEU A 375 14.19 13.17 -6.70
C LEU A 375 13.81 14.48 -7.38
N TRP A 376 12.53 14.83 -7.35
CA TRP A 376 12.09 16.09 -7.96
C TRP A 376 12.49 17.29 -7.12
N ASN A 377 12.49 17.16 -5.79
CA ASN A 377 12.82 18.28 -4.93
C ASN A 377 14.32 18.57 -4.94
N GLU A 378 15.15 17.58 -5.24
CA GLU A 378 16.59 17.77 -5.25
C GLU A 378 17.02 18.59 -6.47
N ARG A 387 5.91 22.95 -7.37
CA ARG A 387 5.47 22.05 -6.27
C ARG A 387 4.02 21.62 -6.54
N VAL A 388 3.16 22.58 -6.89
CA VAL A 388 1.78 22.22 -7.23
C VAL A 388 1.75 21.03 -8.18
N TYR A 389 2.70 20.97 -9.12
CA TYR A 389 2.70 19.89 -10.10
C TYR A 389 3.04 18.55 -9.46
N ASN A 390 3.80 18.54 -8.37
CA ASN A 390 4.09 17.29 -7.68
C ASN A 390 2.82 16.66 -7.11
N PHE A 391 1.98 17.47 -6.46
CA PHE A 391 0.70 16.95 -5.99
C PHE A 391 -0.19 16.56 -7.16
N ALA A 392 -0.12 17.31 -8.27
CA ALA A 392 -0.88 16.94 -9.45
C ALA A 392 -0.44 15.57 -9.96
N ALA A 393 0.87 15.33 -10.00
CA ALA A 393 1.37 14.02 -10.42
C ALA A 393 0.91 12.93 -9.47
N ASP A 394 0.96 13.18 -8.16
CA ASP A 394 0.54 12.17 -7.19
C ASP A 394 -0.95 11.85 -7.34
N ALA A 395 -1.77 12.89 -7.50
CA ALA A 395 -3.22 12.68 -7.64
C ALA A 395 -3.54 11.96 -8.94
N ALA A 396 -2.86 12.32 -10.04
CA ALA A 396 -3.10 11.63 -11.30
C ALA A 396 -2.66 10.18 -11.20
N SER A 397 -1.54 9.93 -10.53
CA SER A 397 -1.08 8.54 -10.32
C SER A 397 -2.17 7.76 -9.57
N THR A 398 -2.66 8.34 -8.46
CA THR A 398 -3.67 7.65 -7.65
C THR A 398 -4.94 7.38 -8.46
N LEU A 399 -5.38 8.36 -9.25
CA LEU A 399 -6.58 8.17 -10.05
C LEU A 399 -6.37 7.08 -11.11
N LEU A 400 -5.22 7.08 -11.80
CA LEU A 400 -4.95 6.04 -12.77
C LEU A 400 -4.83 4.68 -12.09
N GLY A 401 -4.26 4.64 -10.89
CA GLY A 401 -4.20 3.40 -10.15
C GLY A 401 -5.58 2.87 -9.81
N ALA A 402 -6.49 3.76 -9.40
CA ALA A 402 -7.86 3.35 -9.13
C ALA A 402 -8.53 2.81 -10.39
N ILE A 403 -8.35 3.51 -11.52
CA ILE A 403 -8.97 3.07 -12.77
C ILE A 403 -8.42 1.71 -13.18
N THR A 404 -7.11 1.52 -13.09
CA THR A 404 -6.50 0.26 -13.49
C THR A 404 -6.87 -0.88 -12.54
N SER A 405 -6.97 -0.59 -11.24
CA SER A 405 -7.43 -1.60 -10.30
C SER A 405 -8.86 -2.02 -10.61
N PHE A 406 -9.73 -1.05 -10.94
CA PHE A 406 -11.09 -1.38 -11.35
C PHE A 406 -11.09 -2.24 -12.60
N ALA A 407 -10.25 -1.90 -13.58
CA ALA A 407 -10.20 -2.66 -14.82
C ALA A 407 -9.65 -4.06 -14.61
N ALA A 408 -8.76 -4.24 -13.63
CA ALA A 408 -8.16 -5.54 -13.38
C ALA A 408 -9.17 -6.59 -12.94
N GLY A 409 -10.31 -6.16 -12.41
CA GLY A 409 -11.36 -7.09 -12.06
C GLY A 409 -12.21 -7.57 -13.21
N PHE A 410 -11.96 -7.05 -14.41
CA PHE A 410 -12.72 -7.43 -15.59
C PHE A 410 -11.90 -8.14 -16.66
N VAL A 411 -10.57 -8.21 -16.51
CA VAL A 411 -9.75 -8.88 -17.51
C VAL A 411 -9.98 -10.39 -17.44
N LYS A 412 -10.12 -11.00 -18.61
CA LYS A 412 -10.35 -12.44 -18.72
C LYS A 412 -9.10 -13.07 -19.31
N ILE A 413 -8.19 -13.48 -18.42
CA ILE A 413 -6.94 -14.11 -18.79
C ILE A 413 -6.85 -15.47 -18.11
N ARG A 414 -6.40 -16.48 -18.86
CA ARG A 414 -6.16 -17.79 -18.27
C ARG A 414 -4.93 -17.68 -17.37
N TRP A 415 -5.15 -17.61 -16.07
CA TRP A 415 -4.06 -17.34 -15.14
C TRP A 415 -3.26 -18.59 -14.83
N ALA A 416 -2.84 -19.32 -15.86
CA ALA A 416 -1.92 -20.43 -15.70
C ALA A 416 -0.85 -20.49 -16.77
N ARG A 417 -1.01 -19.78 -17.90
CA ARG A 417 0.00 -19.72 -18.95
C ARG A 417 0.54 -18.32 -19.18
N TRP A 418 -0.28 -17.29 -18.96
CA TRP A 418 0.12 -15.91 -19.21
C TRP A 418 0.25 -15.12 -17.90
N SER A 419 0.22 -15.80 -16.76
CA SER A 419 0.40 -15.10 -15.48
C SER A 419 1.84 -14.63 -15.34
N LYS A 420 2.81 -15.47 -15.68
CA LYS A 420 4.21 -15.06 -15.62
C LYS A 420 4.54 -14.06 -16.73
N LEU A 421 3.95 -14.24 -17.91
CA LEU A 421 4.20 -13.30 -19.01
C LEU A 421 3.65 -11.92 -18.69
N LEU A 422 2.46 -11.84 -18.09
CA LEU A 422 1.91 -10.56 -17.71
C LEU A 422 2.78 -9.86 -16.67
N ILE A 423 3.27 -10.61 -15.68
CA ILE A 423 4.15 -10.04 -14.67
C ILE A 423 5.43 -9.53 -15.30
N ALA A 424 6.01 -10.32 -16.22
CA ALA A 424 7.24 -9.91 -16.89
C ALA A 424 7.04 -8.64 -17.71
N GLY A 425 5.93 -8.57 -18.44
CA GLY A 425 5.66 -7.38 -19.25
C GLY A 425 5.44 -6.15 -18.39
N VAL A 426 4.67 -6.29 -17.31
CA VAL A 426 4.42 -5.16 -16.42
C VAL A 426 5.71 -4.71 -15.75
N THR A 427 6.54 -5.65 -15.33
CA THR A 427 7.81 -5.30 -14.68
C THR A 427 8.77 -4.64 -15.66
N ALA A 428 8.79 -5.10 -16.92
CA ALA A 428 9.62 -4.43 -17.92
C ALA A 428 9.14 -3.01 -18.18
N THR A 429 7.82 -2.82 -18.28
CA THR A 429 7.28 -1.47 -18.45
C THR A 429 7.63 -0.59 -17.26
N GLN A 430 7.54 -1.14 -16.05
CA GLN A 430 7.89 -0.38 -14.86
C GLN A 430 9.38 -0.03 -14.84
N ALA A 431 10.23 -0.95 -15.29
CA ALA A 431 11.65 -0.65 -15.39
C ALA A 431 11.90 0.49 -16.37
N GLY A 432 11.24 0.45 -17.53
CA GLY A 432 11.37 1.53 -18.48
C GLY A 432 10.90 2.86 -17.90
N LEU A 433 9.78 2.84 -17.17
CA LEU A 433 9.26 4.08 -16.59
C LEU A 433 10.17 4.61 -15.49
N VAL A 434 10.77 3.73 -14.69
CA VAL A 434 11.70 4.17 -13.66
C VAL A 434 12.97 4.74 -14.30
N PHE A 435 13.43 4.12 -15.39
CA PHE A 435 14.57 4.69 -16.12
C PHE A 435 14.22 6.05 -16.69
N LEU A 436 12.97 6.22 -17.16
CA LEU A 436 12.52 7.51 -17.64
C LEU A 436 12.53 8.55 -16.51
N LEU A 437 12.08 8.15 -15.32
CA LEU A 437 12.10 9.03 -14.16
C LEU A 437 13.53 9.38 -13.75
N ALA A 438 14.47 8.47 -13.99
CA ALA A 438 15.85 8.67 -13.55
C ALA A 438 16.64 9.55 -14.52
N HIS A 439 16.57 9.22 -15.82
CA HIS A 439 17.45 9.80 -16.82
C HIS A 439 16.93 11.11 -17.40
N THR A 440 16.08 11.83 -16.68
CA THR A 440 15.52 13.08 -17.14
C THR A 440 16.17 14.25 -16.42
N ARG A 441 16.70 15.19 -17.19
CA ARG A 441 17.30 16.40 -16.63
C ARG A 441 16.90 17.68 -17.37
N HIS A 442 16.13 17.59 -18.44
CA HIS A 442 15.74 18.78 -19.17
C HIS A 442 14.67 19.54 -18.39
N PRO A 443 14.84 20.85 -18.16
CA PRO A 443 13.82 21.59 -17.40
C PRO A 443 12.44 21.56 -18.05
N SER A 444 12.37 21.62 -19.38
CA SER A 444 11.09 21.54 -20.08
C SER A 444 10.75 20.11 -20.48
N SER A 445 10.83 19.19 -19.50
CA SER A 445 10.49 17.80 -19.75
C SER A 445 9.77 17.16 -18.57
N ILE A 446 9.39 17.94 -17.55
CA ILE A 446 8.81 17.36 -16.34
C ILE A 446 7.45 16.73 -16.60
N TRP A 447 6.75 17.13 -17.67
CA TRP A 447 5.49 16.49 -18.00
C TRP A 447 5.69 15.02 -18.32
N LEU A 448 6.75 14.70 -19.06
CA LEU A 448 7.04 13.30 -19.38
C LEU A 448 7.39 12.52 -18.12
N CYS A 449 8.13 13.13 -17.20
CA CYS A 449 8.45 12.47 -15.95
C CYS A 449 7.19 12.18 -15.14
N TYR A 450 6.29 13.15 -15.06
CA TYR A 450 5.04 12.95 -14.33
C TYR A 450 4.19 11.87 -14.97
N ALA A 451 4.14 11.85 -16.31
CA ALA A 451 3.39 10.81 -17.01
C ALA A 451 3.99 9.44 -16.75
N ALA A 452 5.33 9.35 -16.74
CA ALA A 452 5.98 8.07 -16.45
C ALA A 452 5.67 7.59 -15.04
N PHE A 453 5.71 8.51 -14.05
CA PHE A 453 5.37 8.13 -12.69
C PHE A 453 3.92 7.69 -12.58
N VAL A 454 3.00 8.41 -13.25
CA VAL A 454 1.60 8.05 -13.23
C VAL A 454 1.39 6.66 -13.82
N LEU A 455 2.03 6.38 -14.96
CA LEU A 455 1.89 5.07 -15.59
C LEU A 455 2.50 3.96 -14.75
N PHE A 456 3.62 4.24 -14.07
CA PHE A 456 4.23 3.25 -13.20
C PHE A 456 3.28 2.88 -12.05
N ARG A 457 2.72 3.90 -11.38
CA ARG A 457 1.77 3.62 -10.30
C ARG A 457 0.53 2.93 -10.84
N GLY A 458 0.06 3.31 -12.03
CA GLY A 458 -1.10 2.67 -12.61
C GLY A 458 -0.86 1.20 -12.91
N SER A 459 0.31 0.87 -13.44
CA SER A 459 0.63 -0.52 -13.72
C SER A 459 0.72 -1.34 -12.43
N TYR A 460 1.37 -0.78 -11.41
CA TYR A 460 1.46 -1.51 -10.14
C TYR A 460 0.09 -1.73 -9.52
N GLN A 461 -0.76 -0.70 -9.53
CA GLN A 461 -2.09 -0.85 -8.95
C GLN A 461 -3.03 -1.62 -9.85
N PHE A 462 -2.65 -1.83 -11.11
CA PHE A 462 -3.38 -2.78 -11.95
C PHE A 462 -3.02 -4.21 -11.56
N LEU A 463 -1.75 -4.47 -11.28
CA LEU A 463 -1.34 -5.86 -10.99
C LEU A 463 -1.66 -6.24 -9.53
N VAL A 464 -1.83 -5.24 -8.65
CA VAL A 464 -2.07 -5.57 -7.24
C VAL A 464 -3.36 -6.36 -7.02
N PRO A 465 -4.52 -5.92 -7.53
CA PRO A 465 -5.72 -6.75 -7.34
C PRO A 465 -5.61 -8.12 -7.97
N ILE A 466 -4.90 -8.24 -9.10
CA ILE A 466 -4.67 -9.55 -9.70
C ILE A 466 -3.86 -10.43 -8.76
N ALA A 467 -2.81 -9.86 -8.15
CA ALA A 467 -1.99 -10.62 -7.21
C ALA A 467 -2.82 -11.08 -6.01
N THR A 468 -3.63 -10.17 -5.46
CA THR A 468 -4.43 -10.52 -4.29
C THR A 468 -5.46 -11.59 -4.62
N PHE A 469 -6.11 -11.46 -5.78
CA PHE A 469 -7.15 -12.44 -6.16
C PHE A 469 -6.49 -13.80 -6.42
N GLN A 470 -5.32 -13.81 -7.07
CA GLN A 470 -4.64 -15.06 -7.36
C GLN A 470 -4.12 -15.73 -6.09
N ILE A 471 -3.70 -14.94 -5.11
CA ILE A 471 -3.25 -15.50 -3.85
C ILE A 471 -4.43 -16.07 -3.07
N ALA A 472 -5.54 -15.33 -3.02
CA ALA A 472 -6.72 -15.80 -2.30
C ALA A 472 -7.30 -17.05 -2.95
N SER A 473 -7.36 -17.08 -4.28
CA SER A 473 -7.96 -18.22 -4.97
C SER A 473 -7.08 -19.46 -4.87
N SER A 474 -5.77 -19.29 -4.74
CA SER A 474 -4.84 -20.40 -4.62
C SER A 474 -4.67 -20.88 -3.18
N LEU A 475 -5.36 -20.25 -2.23
CA LEU A 475 -5.31 -20.64 -0.82
C LEU A 475 -6.60 -21.36 -0.48
N SER A 476 -6.49 -22.66 -0.21
CA SER A 476 -7.65 -23.43 0.24
C SER A 476 -7.74 -23.45 1.76
N LYS A 477 -7.56 -22.27 2.35
CA LYS A 477 -7.59 -22.13 3.83
C LYS A 477 -7.82 -20.66 4.18
N GLU A 478 -8.39 -20.38 5.35
CA GLU A 478 -8.69 -19.03 5.80
C GLU A 478 -7.42 -18.35 6.34
N LEU A 479 -6.38 -18.37 5.51
CA LEU A 479 -5.10 -17.75 5.83
C LEU A 479 -4.66 -16.79 4.74
N CYS A 480 -5.62 -16.17 4.05
CA CYS A 480 -5.28 -15.19 3.03
C CYS A 480 -4.56 -14.00 3.64
N ALA A 481 -5.02 -13.53 4.80
CA ALA A 481 -4.38 -12.38 5.44
C ALA A 481 -3.00 -12.73 5.98
N LEU A 482 -2.79 -13.97 6.41
CA LEU A 482 -1.45 -14.37 6.84
C LEU A 482 -0.46 -14.28 5.70
N VAL A 483 -0.85 -14.75 4.52
CA VAL A 483 0.02 -14.66 3.34
C VAL A 483 0.20 -13.20 2.94
N PHE A 484 -0.87 -12.41 2.98
CA PHE A 484 -0.76 -10.99 2.65
C PHE A 484 0.24 -10.29 3.57
N GLY A 485 0.12 -10.52 4.87
CA GLY A 485 1.03 -9.90 5.82
C GLY A 485 2.45 -10.39 5.72
N VAL A 486 2.64 -11.69 5.44
CA VAL A 486 3.99 -12.21 5.24
C VAL A 486 4.63 -11.56 4.02
N ASN A 487 3.87 -11.45 2.93
CA ASN A 487 4.38 -10.80 1.73
C ASN A 487 4.69 -9.33 1.98
N THR A 488 3.83 -8.63 2.72
CA THR A 488 4.09 -7.23 3.04
C THR A 488 5.32 -7.08 3.92
N PHE A 489 5.49 -7.96 4.91
CA PHE A 489 6.65 -7.91 5.77
C PHE A 489 7.94 -8.16 4.99
N PHE A 490 7.93 -9.16 4.10
CA PHE A 490 9.13 -9.43 3.32
C PHE A 490 9.39 -8.33 2.31
N ALA A 491 8.34 -7.73 1.75
CA ALA A 491 8.53 -6.59 0.85
C ALA A 491 9.14 -5.40 1.58
N THR A 492 8.69 -5.14 2.81
CA THR A 492 9.29 -4.09 3.61
C THR A 492 10.74 -4.40 3.95
N ILE A 493 11.03 -5.66 4.25
CA ILE A 493 12.42 -6.06 4.53
C ILE A 493 13.30 -5.83 3.32
N VAL A 494 12.82 -6.23 2.13
CA VAL A 494 13.59 -6.04 0.91
C VAL A 494 13.77 -4.56 0.61
N LYS A 495 12.72 -3.77 0.82
CA LYS A 495 12.81 -2.33 0.60
C LYS A 495 13.84 -1.70 1.53
N THR A 496 13.84 -2.10 2.80
CA THR A 496 14.82 -1.57 3.75
C THR A 496 16.24 -2.00 3.36
N ILE A 497 16.40 -3.25 2.90
CA ILE A 497 17.73 -3.72 2.50
C ILE A 497 18.25 -2.93 1.31
N ILE A 498 17.39 -2.72 0.32
CA ILE A 498 17.82 -1.96 -0.86
C ILE A 498 18.07 -0.50 -0.51
N THR A 499 17.29 0.07 0.42
CA THR A 499 17.56 1.42 0.88
C THR A 499 18.91 1.51 1.57
N PHE A 500 19.22 0.53 2.43
CA PHE A 500 20.50 0.54 3.13
C PHE A 500 21.67 0.33 2.18
N ILE A 501 21.48 -0.43 1.11
CA ILE A 501 22.56 -0.63 0.15
C ILE A 501 22.74 0.62 -0.72
N VAL A 502 21.69 1.00 -1.45
CA VAL A 502 21.80 2.06 -2.43
C VAL A 502 21.94 3.43 -1.75
N SER A 503 21.21 3.66 -0.68
CA SER A 503 21.15 4.98 -0.03
C SER A 503 21.62 4.87 1.41
N ASP A 504 22.94 4.93 1.61
CA ASP A 504 23.54 4.96 2.93
C ASP A 504 25.03 5.20 2.79
N VAL A 505 25.61 5.85 3.79
CA VAL A 505 27.05 6.08 3.79
C VAL A 505 27.81 4.76 3.89
N ARG A 506 27.33 3.84 4.74
CA ARG A 506 28.00 2.56 4.90
C ARG A 506 27.96 1.74 3.62
N GLY A 507 26.82 1.77 2.92
CA GLY A 507 26.65 1.02 1.68
C GLY A 507 27.14 1.78 0.48
N LEU A 508 26.60 1.41 -0.69
CA LEU A 508 26.97 2.04 -1.96
C LEU A 508 26.29 3.40 -2.04
N GLY A 509 26.88 4.37 -1.34
CA GLY A 509 26.33 5.71 -1.29
C GLY A 509 26.24 6.38 -2.64
N LEU A 510 25.04 6.73 -3.06
CA LEU A 510 24.79 7.33 -4.37
C LEU A 510 23.76 8.44 -4.24
N PRO A 511 23.77 9.40 -5.18
CA PRO A 511 22.72 10.42 -5.18
C PRO A 511 21.37 9.86 -5.62
N VAL A 512 20.33 10.70 -5.59
CA VAL A 512 18.98 10.21 -5.85
C VAL A 512 18.85 9.72 -7.30
N ARG A 513 19.50 10.41 -8.24
CA ARG A 513 19.43 9.97 -9.63
C ARG A 513 20.06 8.60 -9.82
N LYS A 514 21.22 8.37 -9.19
CA LYS A 514 21.82 7.04 -9.22
C LYS A 514 20.95 6.03 -8.48
N GLN A 515 20.26 6.45 -7.42
CA GLN A 515 19.33 5.57 -6.74
C GLN A 515 18.22 5.11 -7.68
N PHE A 516 17.66 6.04 -8.46
CA PHE A 516 16.60 5.67 -9.39
C PHE A 516 17.13 4.83 -10.55
N GLN A 517 18.36 5.08 -10.99
CA GLN A 517 18.96 4.20 -11.99
C GLN A 517 19.13 2.79 -11.45
N LEU A 518 19.55 2.67 -10.18
CA LEU A 518 19.67 1.35 -9.56
C LEU A 518 18.30 0.69 -9.44
N TYR A 519 17.26 1.46 -9.11
CA TYR A 519 15.91 0.91 -9.04
C TYR A 519 15.44 0.42 -10.40
N SER A 520 15.76 1.17 -11.46
CA SER A 520 15.43 0.74 -12.81
C SER A 520 16.15 -0.55 -13.17
N VAL A 521 17.42 -0.66 -12.80
CA VAL A 521 18.18 -1.89 -13.04
C VAL A 521 17.56 -3.05 -12.26
N TYR A 522 17.12 -2.79 -11.03
CA TYR A 522 16.49 -3.83 -10.21
C TYR A 522 15.19 -4.30 -10.85
N PHE A 523 14.37 -3.37 -11.33
CA PHE A 523 13.14 -3.76 -12.02
C PHE A 523 13.44 -4.53 -13.30
N LEU A 524 14.50 -4.13 -14.02
CA LEU A 524 14.90 -4.87 -15.22
C LEU A 524 15.33 -6.29 -14.89
N ILE A 525 16.06 -6.45 -13.78
CA ILE A 525 16.47 -7.79 -13.35
C ILE A 525 15.25 -8.63 -13.00
N LEU A 526 14.29 -8.03 -12.30
CA LEU A 526 13.06 -8.75 -11.99
C LEU A 526 12.32 -9.16 -13.25
N SER A 527 12.20 -8.24 -14.20
CA SER A 527 11.52 -8.55 -15.48
C SER A 527 12.25 -9.71 -16.17
N ILE A 528 13.58 -9.63 -16.25
CA ILE A 528 14.36 -10.67 -16.92
C ILE A 528 14.12 -12.02 -16.26
N ILE A 529 14.09 -12.04 -14.92
CA ILE A 529 13.84 -13.28 -14.19
C ILE A 529 12.45 -13.82 -14.53
N TYR A 530 11.45 -12.94 -14.58
CA TYR A 530 10.09 -13.39 -14.89
C TYR A 530 9.97 -13.87 -16.33
N PHE A 531 10.67 -13.21 -17.27
CA PHE A 531 10.68 -13.68 -18.65
C PHE A 531 11.33 -15.06 -18.76
N LEU A 532 12.44 -15.27 -18.05
CA LEU A 532 13.09 -16.58 -18.05
C LEU A 532 12.17 -17.64 -17.45
N GLY A 533 11.47 -17.30 -16.37
CA GLY A 533 10.53 -18.24 -15.79
C GLY A 533 9.40 -18.58 -16.72
N ALA A 534 8.86 -17.58 -17.42
CA ALA A 534 7.81 -17.83 -18.39
C ALA A 534 8.30 -18.72 -19.54
N MET A 535 9.51 -18.46 -20.03
CA MET A 535 10.05 -19.29 -21.10
C MET A 535 10.26 -20.72 -20.64
N LEU A 536 10.77 -20.90 -19.41
CA LEU A 536 10.98 -22.25 -18.89
C LEU A 536 9.65 -22.97 -18.66
N ASP A 537 8.63 -22.25 -18.20
CA ASP A 537 7.32 -22.86 -18.01
C ASP A 537 6.69 -23.26 -19.34
N GLY A 538 6.83 -22.41 -20.36
CA GLY A 538 6.30 -22.74 -21.68
C GLY A 538 7.08 -23.82 -22.39
N LEU A 539 8.36 -24.01 -22.06
CA LEU A 539 9.15 -25.07 -22.66
C LEU A 539 8.78 -26.44 -22.09
N ARG A 540 8.33 -26.48 -20.83
CA ARG A 540 7.92 -27.72 -20.17
C ARG A 540 6.42 -27.96 -20.25
N HIS A 541 5.77 -27.50 -21.32
CA HIS A 541 4.33 -27.64 -21.49
C HIS A 541 3.88 -29.09 -21.37
#